data_6D9B
#
_entry.id   6D9B
#
_cell.length_a   98.060
_cell.length_b   98.060
_cell.length_c   127.150
_cell.angle_alpha   90.000
_cell.angle_beta   90.000
_cell.angle_gamma   90.000
#
_symmetry.space_group_name_H-M   'P 41 21 2'
#
loop_
_entity.id
_entity.type
_entity.pdbx_description
1 polymer 'UDP-galactopyranose mutase'
2 non-polymer 'FLAVIN-ADENINE DINUCLEOTIDE'
3 non-polymer 'SODIUM ION'
4 non-polymer "URIDINE-5'-DIPHOSPHATE-GLUCOSE"
5 non-polymer 'ISOPROPYL ALCOHOL'
6 water water
#
_entity_poly.entity_id   1
_entity_poly.type   'polypeptide(L)'
_entity_poly.pdbx_seq_one_letter_code
;MSDFDLIVVGSGLFGLTVAERAASQLGKKVLIVEKRSHLGGNAYSEAEPETGIEIHKYGAHLFHTSNKRVWDYVNQFTAF
TGYQHRVFAMHNGTAYQFPMGLGLINQFFGRYYTPDEARELIKEQSAEIDSKDATNLEEKAISLIGRPLYEAFIRDYTAK
QWQTDPKELPAGNITRLPVRYNFDNRYFNDTYEGLPVDGYAQWLSNMADHENIEVRLDTDWFEVREDLRAQNPEAPVVYT
GPLDRYFDYSEGHLGWRTLDFETEVLNTGDFQGTPVMNYNDAEFPYTRIHEFRHFHPEREDRHPKDKTVIMKEYSRFAEE
GDEPYYPINTPSDREMLFKYRELADAETESGKVYFGGRLGTYQYLDMHMAIASALSMFDNKLVDALKHHHHHH
;
_entity_poly.pdbx_strand_id   A
#
# COMPACT_ATOMS: atom_id res chain seq x y z
N SER A 2 -2.20 36.65 1.09
CA SER A 2 -1.71 35.96 2.27
C SER A 2 -0.48 35.10 1.95
N ASP A 3 0.19 34.61 2.98
CA ASP A 3 1.34 33.73 2.77
C ASP A 3 0.93 32.33 2.32
N PHE A 4 -0.29 31.90 2.65
CA PHE A 4 -0.84 30.66 2.11
C PHE A 4 -2.37 30.74 1.98
N ASP A 5 -2.91 30.03 0.99
CA ASP A 5 -4.35 30.00 0.76
C ASP A 5 -4.95 28.67 1.20
N LEU A 6 -4.08 27.68 1.36
CA LEU A 6 -4.51 26.34 1.68
C LEU A 6 -3.44 25.70 2.53
N ILE A 7 -3.88 24.97 3.55
CA ILE A 7 -2.97 24.17 4.35
C ILE A 7 -3.25 22.69 4.09
N VAL A 8 -2.19 21.93 3.82
CA VAL A 8 -2.31 20.48 3.67
C VAL A 8 -1.52 19.80 4.79
N VAL A 9 -2.18 18.96 5.57
CA VAL A 9 -1.50 18.24 6.63
C VAL A 9 -1.11 16.85 6.11
N GLY A 10 0.20 16.60 6.01
CA GLY A 10 0.72 15.32 5.57
C GLY A 10 1.11 15.37 4.10
N SER A 11 2.27 14.80 3.78
CA SER A 11 2.76 14.86 2.40
C SER A 11 2.81 13.47 1.74
N GLY A 12 1.88 12.59 2.07
CA GLY A 12 1.71 11.37 1.30
C GLY A 12 1.15 11.70 -0.08
N LEU A 13 0.86 10.67 -0.87
CA LEU A 13 0.39 10.90 -2.22
C LEU A 13 -0.93 11.66 -2.23
N PHE A 14 -1.77 11.46 -1.22
CA PHE A 14 -3.01 12.23 -1.18
C PHE A 14 -2.71 13.71 -0.99
N GLY A 15 -1.98 14.05 0.07
CA GLY A 15 -1.61 15.44 0.33
C GLY A 15 -0.86 16.11 -0.82
N LEU A 16 0.15 15.42 -1.37
CA LEU A 16 0.92 15.95 -2.48
C LEU A 16 0.06 16.29 -3.68
N THR A 17 -0.93 15.44 -3.93
CA THR A 17 -1.76 15.60 -5.11
C THR A 17 -2.67 16.82 -4.94
N VAL A 18 -3.29 16.91 -3.77
CA VAL A 18 -4.15 18.05 -3.50
C VAL A 18 -3.37 19.38 -3.53
N ALA A 19 -2.21 19.38 -2.90
CA ALA A 19 -1.32 20.55 -2.89
C ALA A 19 -0.87 20.94 -4.30
N GLU A 20 -0.37 19.98 -5.07
CA GLU A 20 0.09 20.29 -6.42
C GLU A 20 -1.06 20.80 -7.32
N ARG A 21 -2.26 20.23 -7.22
CA ARG A 21 -3.39 20.68 -8.05
C ARG A 21 -3.81 22.11 -7.69
N ALA A 22 -3.89 22.41 -6.39
CA ALA A 22 -4.25 23.75 -5.95
C ALA A 22 -3.21 24.75 -6.43
N ALA A 23 -1.94 24.37 -6.30
CA ALA A 23 -0.84 25.25 -6.70
C ALA A 23 -0.82 25.51 -8.19
N SER A 24 -0.93 24.46 -9.01
CA SER A 24 -0.73 24.62 -10.43
C SER A 24 -2.01 24.95 -11.19
N GLN A 25 -3.15 24.44 -10.73
CA GLN A 25 -4.40 24.64 -11.48
C GLN A 25 -5.16 25.87 -11.02
N LEU A 26 -5.10 26.16 -9.73
CA LEU A 26 -5.81 27.32 -9.21
C LEU A 26 -4.86 28.47 -8.88
N GLY A 27 -3.55 28.25 -9.04
CA GLY A 27 -2.57 29.29 -8.69
C GLY A 27 -2.61 29.71 -7.22
N LYS A 28 -2.99 28.80 -6.32
CA LYS A 28 -3.03 29.10 -4.89
C LYS A 28 -1.72 28.77 -4.16
N LYS A 29 -1.44 29.54 -3.11
CA LYS A 29 -0.29 29.32 -2.25
C LYS A 29 -0.63 28.20 -1.29
N VAL A 30 0.20 27.16 -1.27
CA VAL A 30 -0.10 26.03 -0.42
C VAL A 30 1.03 25.78 0.57
N LEU A 31 0.65 25.60 1.82
CA LEU A 31 1.55 25.21 2.88
C LEU A 31 1.32 23.75 3.24
N ILE A 32 2.35 22.93 3.06
CA ILE A 32 2.29 21.53 3.45
C ILE A 32 3.01 21.37 4.77
N VAL A 33 2.30 20.83 5.75
CA VAL A 33 2.85 20.52 7.07
C VAL A 33 3.08 19.01 7.17
N GLU A 34 4.31 18.59 7.43
CA GLU A 34 4.63 17.16 7.49
C GLU A 34 5.41 16.82 8.75
N LYS A 35 4.91 15.84 9.49
CA LYS A 35 5.50 15.46 10.76
C LYS A 35 6.88 14.78 10.65
N ARG A 36 7.08 13.97 9.60
CA ARG A 36 8.35 13.26 9.43
C ARG A 36 9.45 14.16 8.87
N SER A 37 10.67 13.61 8.77
N SER A 37 10.66 13.60 8.78
CA SER A 37 11.81 14.38 8.28
CA SER A 37 11.83 14.31 8.30
C SER A 37 11.89 14.40 6.76
C SER A 37 11.90 14.38 6.77
N HIS A 38 10.89 13.82 6.10
CA HIS A 38 10.90 13.76 4.64
C HIS A 38 9.47 13.81 4.04
N LEU A 39 9.41 14.09 2.73
CA LEU A 39 8.17 14.07 1.94
C LEU A 39 7.72 12.66 1.60
N GLY A 40 6.46 12.52 1.20
CA GLY A 40 6.04 11.33 0.47
C GLY A 40 5.32 10.25 1.25
N GLY A 41 5.25 10.41 2.58
CA GLY A 41 4.60 9.42 3.40
C GLY A 41 5.26 8.05 3.30
N ASN A 42 4.47 6.99 3.27
CA ASN A 42 5.04 5.65 3.25
C ASN A 42 5.64 5.24 1.89
N ALA A 43 5.32 5.98 0.82
CA ALA A 43 5.89 5.69 -0.50
C ALA A 43 7.36 6.13 -0.64
N TYR A 44 7.81 6.99 0.28
CA TYR A 44 9.19 7.46 0.29
C TYR A 44 10.22 6.32 0.26
N SER A 45 11.28 6.49 -0.52
CA SER A 45 12.36 5.51 -0.58
C SER A 45 13.70 6.24 -0.41
N GLU A 46 14.76 5.50 -0.12
CA GLU A 46 16.07 6.10 0.08
C GLU A 46 17.18 5.13 -0.30
N ALA A 47 18.38 5.67 -0.48
CA ALA A 47 19.56 4.83 -0.70
C ALA A 47 20.00 4.16 0.59
N GLU A 48 20.21 2.85 0.53
CA GLU A 48 20.88 2.17 1.61
C GLU A 48 22.35 2.63 1.57
N PRO A 49 22.90 3.05 2.73
CA PRO A 49 24.21 3.72 2.79
C PRO A 49 25.39 2.87 2.27
N GLU A 50 25.44 1.58 2.63
CA GLU A 50 26.56 0.73 2.26
C GLU A 50 26.60 0.36 0.76
N THR A 51 25.43 0.13 0.16
CA THR A 51 25.37 -0.34 -1.23
C THR A 51 24.89 0.70 -2.24
N GLY A 52 24.16 1.70 -1.78
CA GLY A 52 23.55 2.66 -2.67
C GLY A 52 22.20 2.25 -3.26
N ILE A 53 21.79 1.01 -2.99
CA ILE A 53 20.56 0.45 -3.57
C ILE A 53 19.31 1.15 -3.00
N GLU A 54 18.36 1.44 -3.86
CA GLU A 54 17.14 2.10 -3.42
C GLU A 54 16.33 1.11 -2.60
N ILE A 55 15.96 1.51 -1.39
CA ILE A 55 15.16 0.66 -0.51
C ILE A 55 14.01 1.44 0.07
N HIS A 56 13.08 0.71 0.68
CA HIS A 56 11.92 1.27 1.39
C HIS A 56 11.98 0.94 2.87
N LYS A 57 11.55 1.88 3.72
CA LYS A 57 11.45 1.59 5.15
C LYS A 57 10.01 1.43 5.64
N TYR A 58 9.04 1.70 4.77
CA TYR A 58 7.63 1.56 5.14
C TYR A 58 6.90 0.65 4.20
N GLY A 59 7.58 -0.38 3.71
CA GLY A 59 7.00 -1.33 2.76
C GLY A 59 7.44 -1.12 1.32
N ALA A 60 7.60 -2.20 0.56
CA ALA A 60 7.89 -2.09 -0.88
C ALA A 60 6.69 -1.49 -1.59
N HIS A 61 6.93 -0.61 -2.57
CA HIS A 61 5.84 0.08 -3.27
C HIS A 61 5.90 -0.23 -4.75
N LEU A 62 4.84 -0.85 -5.25
CA LEU A 62 4.73 -1.22 -6.66
C LEU A 62 3.64 -0.39 -7.28
N PHE A 63 3.95 0.38 -8.33
CA PHE A 63 2.92 1.24 -8.93
C PHE A 63 2.23 0.53 -10.11
N HIS A 64 0.90 0.54 -10.10
CA HIS A 64 0.11 -0.08 -11.17
C HIS A 64 -1.27 0.56 -11.17
N THR A 65 -1.83 0.78 -12.36
CA THR A 65 -3.19 1.32 -12.46
C THR A 65 -3.81 1.09 -13.86
N SER A 66 -5.13 1.06 -13.90
CA SER A 66 -5.87 1.04 -15.16
C SER A 66 -6.58 2.37 -15.37
N ASN A 67 -6.36 3.31 -14.44
CA ASN A 67 -6.93 4.65 -14.51
C ASN A 67 -6.02 5.57 -15.35
N LYS A 68 -6.43 5.89 -16.57
CA LYS A 68 -5.57 6.63 -17.48
C LYS A 68 -5.33 8.07 -17.03
N ARG A 69 -6.35 8.67 -16.44
CA ARG A 69 -6.21 10.01 -15.90
C ARG A 69 -5.08 10.04 -14.86
N VAL A 70 -5.09 9.07 -13.96
CA VAL A 70 -4.06 8.98 -12.92
C VAL A 70 -2.68 8.73 -13.53
N TRP A 71 -2.63 7.84 -14.50
CA TRP A 71 -1.38 7.52 -15.20
C TRP A 71 -0.79 8.74 -15.89
N ASP A 72 -1.64 9.48 -16.62
CA ASP A 72 -1.19 10.68 -17.31
C ASP A 72 -0.69 11.70 -16.29
N TYR A 73 -1.43 11.83 -15.19
CA TYR A 73 -1.05 12.72 -14.11
C TYR A 73 0.34 12.41 -13.54
N VAL A 74 0.59 11.16 -13.15
CA VAL A 74 1.83 10.87 -12.45
C VAL A 74 3.00 11.01 -13.39
N ASN A 75 2.77 10.80 -14.68
CA ASN A 75 3.86 10.90 -15.64
C ASN A 75 4.29 12.35 -15.91
N GLN A 76 3.57 13.31 -15.33
CA GLN A 76 4.04 14.69 -15.36
C GLN A 76 5.22 14.90 -14.42
N PHE A 77 5.34 14.01 -13.44
CA PHE A 77 6.31 14.20 -12.36
C PHE A 77 7.44 13.19 -12.33
N THR A 78 7.29 12.09 -13.06
CA THR A 78 8.38 11.11 -13.14
C THR A 78 8.12 10.27 -14.35
N ALA A 79 9.18 9.72 -14.93
CA ALA A 79 9.03 8.67 -15.93
C ALA A 79 9.02 7.36 -15.17
N PHE A 80 8.48 6.31 -15.78
CA PHE A 80 8.43 4.98 -15.17
C PHE A 80 9.19 3.96 -16.00
N THR A 81 9.85 3.03 -15.34
CA THR A 81 10.47 1.93 -16.06
C THR A 81 9.39 0.97 -16.55
N GLY A 82 9.79 0.01 -17.38
CA GLY A 82 8.90 -1.03 -17.86
C GLY A 82 8.86 -2.26 -16.94
N TYR A 83 9.26 -2.08 -15.68
CA TYR A 83 9.16 -3.14 -14.67
C TYR A 83 7.76 -3.78 -14.58
N GLN A 84 7.73 -5.10 -14.56
CA GLN A 84 6.51 -5.82 -14.31
C GLN A 84 6.72 -6.72 -13.08
N HIS A 85 5.88 -6.52 -12.08
CA HIS A 85 5.98 -7.31 -10.87
C HIS A 85 5.62 -8.77 -11.12
N ARG A 86 6.52 -9.64 -10.68
CA ARG A 86 6.29 -11.08 -10.64
C ARG A 86 6.72 -11.59 -9.25
N VAL A 87 5.99 -12.57 -8.74
CA VAL A 87 6.22 -13.13 -7.41
C VAL A 87 6.42 -14.65 -7.51
N PHE A 88 7.25 -15.20 -6.62
CA PHE A 88 7.42 -16.64 -6.45
C PHE A 88 7.01 -17.02 -5.02
N ALA A 89 6.50 -18.25 -4.85
CA ALA A 89 6.00 -18.70 -3.55
C ALA A 89 6.82 -19.92 -3.07
N MET A 90 7.51 -19.75 -1.94
CA MET A 90 8.35 -20.81 -1.40
C MET A 90 7.53 -21.73 -0.52
N HIS A 91 7.40 -22.99 -0.94
CA HIS A 91 6.66 -23.96 -0.13
C HIS A 91 7.39 -25.28 -0.09
N ASN A 92 7.69 -25.72 1.14
CA ASN A 92 8.35 -27.00 1.37
C ASN A 92 9.66 -27.15 0.58
N GLY A 93 10.49 -26.12 0.60
CA GLY A 93 11.76 -26.18 -0.10
C GLY A 93 11.75 -25.97 -1.61
N THR A 94 10.60 -25.67 -2.20
CA THR A 94 10.54 -25.38 -3.64
C THR A 94 9.94 -23.99 -3.92
N ALA A 95 10.55 -23.29 -4.86
CA ALA A 95 10.02 -22.01 -5.35
C ALA A 95 8.97 -22.26 -6.43
N TYR A 96 7.72 -21.97 -6.11
CA TYR A 96 6.62 -22.15 -7.08
C TYR A 96 6.34 -20.88 -7.87
N GLN A 97 6.03 -21.05 -9.14
CA GLN A 97 5.43 -20.01 -9.94
C GLN A 97 4.14 -19.56 -9.25
N PHE A 98 3.81 -18.28 -9.40
CA PHE A 98 2.76 -17.67 -8.61
C PHE A 98 2.28 -16.43 -9.37
N PRO A 99 0.99 -16.07 -9.24
CA PRO A 99 -0.12 -16.71 -8.54
C PRO A 99 -0.47 -18.07 -9.12
N MET A 100 -1.46 -18.73 -8.51
CA MET A 100 -1.88 -20.06 -8.97
C MET A 100 -2.28 -20.05 -10.42
N GLY A 101 -1.67 -20.94 -11.19
CA GLY A 101 -1.91 -21.03 -12.63
C GLY A 101 -1.34 -22.33 -13.14
N LEU A 102 -1.28 -22.51 -14.47
CA LEU A 102 -0.79 -23.77 -15.05
C LEU A 102 0.62 -24.12 -14.57
N GLY A 103 1.40 -23.09 -14.25
CA GLY A 103 2.77 -23.27 -13.78
C GLY A 103 2.83 -23.94 -12.41
N LEU A 104 2.23 -23.27 -11.43
CA LEU A 104 2.14 -23.81 -10.07
C LEU A 104 1.46 -25.19 -10.10
N ILE A 105 0.37 -25.30 -10.84
CA ILE A 105 -0.40 -26.55 -10.90
C ILE A 105 0.48 -27.71 -11.39
N ASN A 106 1.23 -27.48 -12.46
CA ASN A 106 2.19 -28.48 -12.93
C ASN A 106 3.19 -28.84 -11.83
N GLN A 107 3.78 -27.84 -11.21
CA GLN A 107 4.80 -28.06 -10.20
C GLN A 107 4.26 -28.80 -8.97
N PHE A 108 3.02 -28.50 -8.62
CA PHE A 108 2.47 -28.99 -7.36
C PHE A 108 1.84 -30.37 -7.53
N PHE A 109 1.10 -30.56 -8.60
CA PHE A 109 0.39 -31.82 -8.83
C PHE A 109 1.24 -32.82 -9.66
N GLY A 110 2.40 -32.40 -10.13
CA GLY A 110 3.40 -33.34 -10.63
C GLY A 110 3.52 -33.55 -12.13
N ARG A 111 2.58 -33.04 -12.90
CA ARG A 111 2.68 -33.11 -14.36
C ARG A 111 1.86 -31.99 -14.99
N TYR A 112 2.03 -31.82 -16.30
CA TYR A 112 1.37 -30.75 -17.04
C TYR A 112 -0.14 -30.93 -17.21
N TYR A 113 -0.91 -29.91 -16.80
CA TYR A 113 -2.34 -29.85 -17.10
C TYR A 113 -2.61 -28.75 -18.11
N THR A 114 -3.32 -29.12 -19.19
CA THR A 114 -3.79 -28.16 -20.17
C THR A 114 -4.78 -27.21 -19.50
N PRO A 115 -5.04 -26.05 -20.13
CA PRO A 115 -6.07 -25.14 -19.59
C PRO A 115 -7.37 -25.87 -19.21
N ASP A 116 -7.91 -26.66 -20.13
CA ASP A 116 -9.18 -27.35 -19.87
C ASP A 116 -9.04 -28.43 -18.79
N GLU A 117 -7.95 -29.19 -18.83
CA GLU A 117 -7.65 -30.15 -17.76
C GLU A 117 -7.48 -29.49 -16.40
N ALA A 118 -6.86 -28.31 -16.37
CA ALA A 118 -6.70 -27.64 -15.07
C ALA A 118 -8.06 -27.20 -14.56
N ARG A 119 -8.93 -26.70 -15.44
CA ARG A 119 -10.30 -26.32 -15.03
C ARG A 119 -11.01 -27.50 -14.38
N GLU A 120 -10.91 -28.66 -15.02
CA GLU A 120 -11.52 -29.89 -14.52
C GLU A 120 -10.91 -30.25 -13.16
N LEU A 121 -9.59 -30.18 -13.04
CA LEU A 121 -8.90 -30.50 -11.80
C LEU A 121 -9.40 -29.64 -10.64
N ILE A 122 -9.54 -28.34 -10.89
CA ILE A 122 -9.96 -27.42 -9.85
C ILE A 122 -11.42 -27.67 -9.41
N LYS A 123 -12.28 -28.02 -10.36
CA LYS A 123 -13.66 -28.41 -10.03
C LYS A 123 -13.68 -29.67 -9.13
N GLU A 124 -12.91 -30.70 -9.49
CA GLU A 124 -12.75 -31.89 -8.63
C GLU A 124 -12.25 -31.55 -7.22
N GLN A 125 -11.20 -30.74 -7.15
CA GLN A 125 -10.57 -30.42 -5.87
C GLN A 125 -11.48 -29.63 -4.95
N SER A 126 -12.27 -28.74 -5.55
CA SER A 126 -13.07 -27.79 -4.79
C SER A 126 -14.51 -28.27 -4.62
N ALA A 127 -14.78 -29.51 -5.04
CA ALA A 127 -16.13 -30.05 -5.00
C ALA A 127 -16.64 -30.19 -3.57
N GLU A 128 -15.70 -30.43 -2.66
CA GLU A 128 -15.99 -30.69 -1.26
C GLU A 128 -16.92 -29.68 -0.57
N ILE A 129 -16.69 -28.39 -0.80
CA ILE A 129 -17.53 -27.36 -0.17
C ILE A 129 -18.13 -26.42 -1.20
N ASP A 130 -19.41 -26.10 -1.06
CA ASP A 130 -20.03 -25.07 -1.88
C ASP A 130 -19.76 -23.70 -1.28
N SER A 131 -19.30 -22.78 -2.12
CA SER A 131 -18.97 -21.43 -1.66
C SER A 131 -20.18 -20.75 -1.03
N LYS A 132 -21.38 -21.06 -1.50
CA LYS A 132 -22.58 -20.53 -0.87
C LYS A 132 -22.73 -21.02 0.59
N ASP A 133 -22.07 -22.12 0.94
CA ASP A 133 -22.21 -22.73 2.27
C ASP A 133 -21.04 -22.44 3.23
N ALA A 134 -20.05 -21.69 2.74
CA ALA A 134 -18.84 -21.40 3.52
C ALA A 134 -19.13 -20.44 4.67
N THR A 135 -18.61 -20.75 5.86
CA THR A 135 -18.86 -19.94 7.04
C THR A 135 -17.66 -19.11 7.50
N ASN A 136 -16.48 -19.37 6.93
CA ASN A 136 -15.25 -18.62 7.23
C ASN A 136 -14.26 -18.63 6.06
N LEU A 137 -13.11 -18.01 6.26
CA LEU A 137 -12.11 -17.86 5.19
C LEU A 137 -11.59 -19.22 4.73
N GLU A 138 -11.21 -20.06 5.68
CA GLU A 138 -10.72 -21.40 5.35
C GLU A 138 -11.69 -22.17 4.43
N GLU A 139 -12.97 -22.23 4.79
CA GLU A 139 -13.97 -22.94 4.01
C GLU A 139 -14.20 -22.31 2.64
N LYS A 140 -14.20 -20.99 2.62
CA LYS A 140 -14.42 -20.24 1.40
C LYS A 140 -13.27 -20.51 0.43
N ALA A 141 -12.04 -20.50 0.95
CA ALA A 141 -10.86 -20.83 0.15
C ALA A 141 -10.97 -22.25 -0.41
N ILE A 142 -11.23 -23.21 0.47
CA ILE A 142 -11.34 -24.61 0.05
C ILE A 142 -12.45 -24.82 -0.97
N SER A 143 -13.59 -24.17 -0.75
CA SER A 143 -14.71 -24.26 -1.68
C SER A 143 -14.35 -23.74 -3.08
N LEU A 144 -13.25 -23.01 -3.19
CA LEU A 144 -12.85 -22.46 -4.48
C LEU A 144 -11.72 -23.24 -5.12
N ILE A 145 -10.73 -23.67 -4.33
CA ILE A 145 -9.54 -24.29 -4.91
C ILE A 145 -9.17 -25.65 -4.34
N GLY A 146 -9.85 -26.08 -3.27
CA GLY A 146 -9.60 -27.38 -2.68
C GLY A 146 -8.60 -27.35 -1.53
N ARG A 147 -8.57 -28.40 -0.71
CA ARG A 147 -7.69 -28.45 0.47
C ARG A 147 -6.20 -28.46 0.18
N PRO A 148 -5.74 -29.32 -0.76
CA PRO A 148 -4.28 -29.31 -0.96
C PRO A 148 -3.71 -27.93 -1.33
N LEU A 149 -4.30 -27.23 -2.28
CA LEU A 149 -3.80 -25.90 -2.64
C LEU A 149 -3.96 -24.93 -1.49
N TYR A 150 -5.11 -24.96 -0.83
CA TYR A 150 -5.35 -24.06 0.30
C TYR A 150 -4.31 -24.24 1.41
N GLU A 151 -4.03 -25.50 1.74
CA GLU A 151 -3.15 -25.82 2.86
C GLU A 151 -1.69 -25.56 2.53
N ALA A 152 -1.35 -25.68 1.25
CA ALA A 152 0.01 -25.41 0.79
C ALA A 152 0.32 -23.90 0.64
N PHE A 153 -0.60 -23.13 0.08
CA PHE A 153 -0.27 -21.76 -0.34
C PHE A 153 -1.09 -20.64 0.30
N ILE A 154 -2.13 -20.99 1.05
CA ILE A 154 -2.97 -19.94 1.59
C ILE A 154 -3.03 -19.92 3.11
N ARG A 155 -3.14 -21.10 3.73
CA ARG A 155 -3.41 -21.19 5.17
C ARG A 155 -2.39 -20.47 6.05
N ASP A 156 -1.13 -20.86 5.98
CA ASP A 156 -0.13 -20.31 6.91
C ASP A 156 0.24 -18.87 6.57
N TYR A 157 0.27 -18.55 5.28
CA TYR A 157 0.57 -17.19 4.87
C TYR A 157 -0.48 -16.26 5.44
N THR A 158 -1.73 -16.66 5.27
CA THR A 158 -2.86 -15.90 5.77
C THR A 158 -2.81 -15.78 7.29
N ALA A 159 -2.50 -16.90 7.93
CA ALA A 159 -2.36 -16.96 9.39
C ALA A 159 -1.29 -15.98 9.88
N LYS A 160 -0.14 -15.94 9.20
CA LYS A 160 0.93 -15.02 9.58
C LYS A 160 0.55 -13.53 9.39
N GLN A 161 -0.14 -13.22 8.29
CA GLN A 161 -0.53 -11.83 8.01
C GLN A 161 -1.57 -11.31 9.00
N TRP A 162 -2.53 -12.15 9.35
CA TRP A 162 -3.61 -11.71 10.21
C TRP A 162 -3.40 -12.09 11.68
N GLN A 163 -2.40 -12.93 11.96
CA GLN A 163 -2.18 -13.44 13.32
C GLN A 163 -3.43 -14.10 13.89
N THR A 164 -4.22 -14.72 13.01
CA THR A 164 -5.48 -15.37 13.37
C THR A 164 -5.58 -16.69 12.61
N ASP A 165 -6.22 -17.69 13.22
CA ASP A 165 -6.57 -18.87 12.47
C ASP A 165 -7.61 -18.49 11.42
N PRO A 166 -7.39 -18.95 10.18
CA PRO A 166 -8.31 -18.65 9.07
C PRO A 166 -9.74 -19.15 9.32
N LYS A 167 -9.92 -20.15 10.17
CA LYS A 167 -11.28 -20.57 10.53
C LYS A 167 -12.04 -19.46 11.25
N GLU A 168 -11.33 -18.41 11.67
CA GLU A 168 -11.92 -17.32 12.42
C GLU A 168 -11.96 -16.02 11.62
N LEU A 169 -11.78 -16.11 10.31
CA LEU A 169 -11.77 -14.92 9.48
C LEU A 169 -13.02 -14.93 8.59
N PRO A 170 -13.45 -13.76 8.09
CA PRO A 170 -14.73 -13.70 7.37
C PRO A 170 -14.68 -14.44 6.04
N ALA A 171 -15.72 -15.20 5.70
CA ALA A 171 -15.80 -15.80 4.36
C ALA A 171 -15.72 -14.73 3.27
N GLY A 172 -16.08 -13.48 3.61
CA GLY A 172 -16.02 -12.37 2.68
C GLY A 172 -14.63 -11.87 2.29
N ASN A 173 -13.57 -12.42 2.90
CA ASN A 173 -12.23 -12.00 2.56
C ASN A 173 -11.76 -12.53 1.20
N ILE A 174 -12.37 -13.61 0.75
CA ILE A 174 -12.09 -14.11 -0.59
C ILE A 174 -13.32 -13.97 -1.48
N THR A 175 -13.16 -13.30 -2.62
CA THR A 175 -14.35 -12.96 -3.39
C THR A 175 -14.27 -13.47 -4.82
N ARG A 176 -13.13 -14.02 -5.21
CA ARG A 176 -13.02 -14.59 -6.56
C ARG A 176 -12.02 -15.74 -6.63
N LEU A 177 -12.12 -16.51 -7.72
CA LEU A 177 -11.24 -17.64 -7.97
C LEU A 177 -9.80 -17.18 -8.13
N PRO A 178 -8.95 -17.56 -7.18
CA PRO A 178 -7.56 -17.13 -7.31
C PRO A 178 -6.74 -18.03 -8.24
N VAL A 179 -7.33 -18.57 -9.31
CA VAL A 179 -6.60 -19.47 -10.22
C VAL A 179 -6.66 -19.06 -11.68
N ARG A 180 -5.50 -19.00 -12.35
CA ARG A 180 -5.46 -18.68 -13.77
C ARG A 180 -5.30 -19.94 -14.58
N TYR A 181 -6.01 -20.03 -15.70
CA TYR A 181 -5.92 -21.24 -16.50
C TYR A 181 -5.00 -21.06 -17.69
N ASN A 182 -3.92 -20.30 -17.47
CA ASN A 182 -2.88 -20.19 -18.47
C ASN A 182 -1.54 -20.08 -17.77
N PHE A 183 -0.46 -19.79 -18.51
CA PHE A 183 0.87 -19.64 -17.92
C PHE A 183 1.24 -18.18 -17.60
N ASP A 184 0.26 -17.29 -17.55
CA ASP A 184 0.55 -15.87 -17.32
C ASP A 184 0.82 -15.61 -15.84
N ASN A 185 2.06 -15.26 -15.50
CA ASN A 185 2.36 -14.93 -14.11
C ASN A 185 2.72 -13.47 -13.87
N ARG A 186 2.24 -12.57 -14.72
CA ARG A 186 2.20 -11.15 -14.39
C ARG A 186 1.46 -11.03 -13.08
N TYR A 187 2.05 -10.44 -12.05
CA TYR A 187 1.33 -10.36 -10.77
C TYR A 187 0.10 -9.43 -10.77
N PHE A 188 0.23 -8.24 -11.35
CA PHE A 188 -0.92 -7.31 -11.42
C PHE A 188 -1.58 -7.38 -12.79
N ASN A 189 -2.85 -7.00 -12.82
CA ASN A 189 -3.69 -7.07 -14.01
C ASN A 189 -3.97 -5.71 -14.62
N ASP A 190 -3.23 -4.67 -14.24
CA ASP A 190 -3.59 -3.32 -14.68
C ASP A 190 -2.90 -2.91 -15.98
N THR A 191 -3.56 -2.01 -16.69
CA THR A 191 -3.06 -1.49 -17.97
C THR A 191 -1.67 -0.88 -17.84
N TYR A 192 -1.46 -0.06 -16.81
CA TYR A 192 -0.20 0.66 -16.67
C TYR A 192 0.58 0.20 -15.44
N GLU A 193 1.88 0.05 -15.59
CA GLU A 193 2.71 -0.43 -14.49
C GLU A 193 4.17 -0.02 -14.66
N GLY A 194 4.83 0.30 -13.57
CA GLY A 194 6.27 0.55 -13.61
C GLY A 194 6.78 1.09 -12.30
N LEU A 195 8.07 1.41 -12.25
CA LEU A 195 8.69 2.05 -11.10
C LEU A 195 9.29 3.38 -11.52
N PRO A 196 9.25 4.40 -10.65
CA PRO A 196 9.83 5.72 -10.98
C PRO A 196 11.29 5.54 -11.40
N VAL A 197 11.65 6.04 -12.57
CA VAL A 197 13.00 5.84 -13.11
C VAL A 197 14.07 6.30 -12.11
N ASP A 198 13.84 7.41 -11.42
CA ASP A 198 14.85 7.93 -10.49
C ASP A 198 14.48 7.74 -9.03
N GLY A 199 13.58 6.80 -8.76
CA GLY A 199 13.20 6.47 -7.40
C GLY A 199 12.00 7.26 -6.93
N TYR A 200 11.38 6.80 -5.84
CA TYR A 200 10.20 7.45 -5.30
C TYR A 200 10.49 8.82 -4.73
N ALA A 201 11.62 8.96 -4.03
CA ALA A 201 11.96 10.24 -3.38
C ALA A 201 12.02 11.36 -4.42
N GLN A 202 12.68 11.11 -5.55
CA GLN A 202 12.71 12.12 -6.60
C GLN A 202 11.31 12.43 -7.14
N TRP A 203 10.51 11.39 -7.36
CA TRP A 203 9.14 11.59 -7.87
C TRP A 203 8.32 12.47 -6.91
N LEU A 204 8.27 12.08 -5.65
CA LEU A 204 7.39 12.76 -4.70
C LEU A 204 7.91 14.18 -4.42
N SER A 205 9.23 14.33 -4.41
CA SER A 205 9.83 15.65 -4.29
C SER A 205 9.44 16.55 -5.48
N ASN A 206 9.44 15.99 -6.69
CA ASN A 206 9.02 16.76 -7.86
C ASN A 206 7.57 17.25 -7.74
N MET A 207 6.69 16.47 -7.13
CA MET A 207 5.30 16.89 -6.98
C MET A 207 5.19 18.13 -6.11
N ALA A 208 6.02 18.20 -5.07
CA ALA A 208 5.97 19.33 -4.15
C ALA A 208 6.83 20.50 -4.64
N ASP A 209 7.56 20.30 -5.74
CA ASP A 209 8.43 21.33 -6.27
C ASP A 209 7.66 22.28 -7.18
N HIS A 210 7.16 23.36 -6.60
CA HIS A 210 6.35 24.34 -7.32
C HIS A 210 6.50 25.68 -6.60
N GLU A 211 6.59 26.75 -7.39
CA GLU A 211 6.76 28.09 -6.84
C GLU A 211 5.67 28.41 -5.82
N ASN A 212 4.50 27.79 -5.94
CA ASN A 212 3.39 28.09 -5.03
C ASN A 212 3.32 27.19 -3.80
N ILE A 213 4.30 26.32 -3.63
CA ILE A 213 4.22 25.36 -2.54
C ILE A 213 5.31 25.53 -1.51
N GLU A 214 4.90 25.64 -0.26
CA GLU A 214 5.85 25.67 0.85
C GLU A 214 5.74 24.37 1.65
N VAL A 215 6.88 23.79 1.98
CA VAL A 215 6.90 22.57 2.75
C VAL A 215 7.62 22.76 4.08
N ARG A 216 6.95 22.41 5.18
CA ARG A 216 7.60 22.38 6.49
C ARG A 216 7.61 20.97 7.05
N LEU A 217 8.80 20.38 7.01
CA LEU A 217 9.06 19.06 7.56
C LEU A 217 9.26 19.13 9.06
N ASP A 218 9.33 17.97 9.71
CA ASP A 218 9.48 17.85 11.16
C ASP A 218 8.50 18.75 11.92
N THR A 219 7.27 18.84 11.43
CA THR A 219 6.28 19.72 12.00
C THR A 219 4.94 18.98 12.20
N ASP A 220 4.52 18.85 13.45
CA ASP A 220 3.23 18.25 13.80
C ASP A 220 2.11 19.28 13.74
N TRP A 221 1.11 19.04 12.89
CA TRP A 221 -0.05 19.91 12.78
C TRP A 221 -0.64 20.37 14.11
N PHE A 222 -0.78 19.42 15.05
CA PHE A 222 -1.44 19.71 16.32
C PHE A 222 -0.62 20.64 17.21
N GLU A 223 0.69 20.70 16.98
CA GLU A 223 1.52 21.66 17.69
C GLU A 223 1.54 23.06 17.07
N VAL A 224 1.24 23.17 15.77
CA VAL A 224 1.32 24.48 15.15
C VAL A 224 -0.03 25.03 14.66
N ARG A 225 -1.12 24.27 14.80
CA ARG A 225 -2.34 24.66 14.09
C ARG A 225 -2.97 25.99 14.54
N GLU A 226 -2.89 26.32 15.81
CA GLU A 226 -3.54 27.53 16.28
C GLU A 226 -2.83 28.74 15.69
N ASP A 227 -1.52 28.69 15.66
CA ASP A 227 -0.74 29.77 15.07
C ASP A 227 -0.97 29.89 13.55
N LEU A 228 -0.89 28.78 12.83
CA LEU A 228 -1.03 28.82 11.37
C LEU A 228 -2.39 29.37 10.95
N ARG A 229 -3.45 28.85 11.55
CA ARG A 229 -4.79 29.27 11.15
C ARG A 229 -5.04 30.74 11.52
N ALA A 230 -4.43 31.21 12.61
CA ALA A 230 -4.57 32.62 12.98
C ALA A 230 -3.94 33.57 11.95
N GLN A 231 -2.99 33.09 11.15
CA GLN A 231 -2.37 33.92 10.11
C GLN A 231 -3.33 34.16 8.95
N ASN A 232 -4.20 33.18 8.70
CA ASN A 232 -5.20 33.31 7.66
C ASN A 232 -6.36 32.37 7.97
N PRO A 233 -7.33 32.86 8.78
CA PRO A 233 -8.46 32.08 9.28
C PRO A 233 -9.31 31.43 8.20
N GLU A 234 -9.40 32.06 7.04
CA GLU A 234 -10.25 31.60 5.94
C GLU A 234 -9.64 30.48 5.11
N ALA A 235 -8.34 30.22 5.27
CA ALA A 235 -7.69 29.16 4.51
C ALA A 235 -8.22 27.80 4.98
N PRO A 236 -8.74 26.99 4.04
CA PRO A 236 -9.16 25.64 4.42
C PRO A 236 -7.96 24.75 4.72
N VAL A 237 -8.24 23.64 5.40
CA VAL A 237 -7.23 22.65 5.72
C VAL A 237 -7.61 21.31 5.09
N VAL A 238 -6.65 20.62 4.48
CA VAL A 238 -6.85 19.25 4.09
C VAL A 238 -6.02 18.39 5.03
N TYR A 239 -6.70 17.62 5.86
CA TYR A 239 -6.05 16.85 6.89
C TYR A 239 -5.92 15.39 6.46
N THR A 240 -4.70 14.86 6.40
CA THR A 240 -4.55 13.42 6.09
C THR A 240 -3.88 12.67 7.22
N GLY A 241 -3.83 13.26 8.42
CA GLY A 241 -3.35 12.57 9.60
C GLY A 241 -4.38 11.58 10.11
N PRO A 242 -4.11 10.92 11.26
CA PRO A 242 -5.08 9.95 11.81
C PRO A 242 -6.41 10.61 12.20
N LEU A 243 -7.50 10.01 11.75
CA LEU A 243 -8.85 10.49 12.02
C LEU A 243 -9.23 10.47 13.50
N ASP A 244 -8.91 9.38 14.20
CA ASP A 244 -9.29 9.26 15.60
C ASP A 244 -8.47 10.23 16.46
N ARG A 245 -7.17 10.31 16.20
CA ARG A 245 -6.30 11.25 16.90
C ARG A 245 -6.81 12.70 16.77
N TYR A 246 -7.29 13.07 15.58
CA TYR A 246 -7.79 14.43 15.37
C TYR A 246 -8.86 14.82 16.41
N PHE A 247 -9.74 13.87 16.72
CA PHE A 247 -10.82 14.13 17.69
C PHE A 247 -10.51 13.53 19.05
N ASP A 248 -9.22 13.57 19.41
CA ASP A 248 -8.74 13.20 20.74
C ASP A 248 -9.23 11.84 21.22
N TYR A 249 -9.43 10.94 20.26
CA TYR A 249 -9.87 9.58 20.54
C TYR A 249 -11.18 9.54 21.34
N SER A 250 -11.97 10.60 21.22
CA SER A 250 -13.23 10.73 21.96
C SER A 250 -14.18 9.53 21.72
N GLU A 251 -13.99 8.81 20.62
CA GLU A 251 -14.84 7.67 20.31
C GLU A 251 -14.06 6.35 20.33
N GLY A 252 -12.86 6.37 20.92
CA GLY A 252 -12.02 5.19 20.98
C GLY A 252 -10.90 5.13 19.95
N HIS A 253 -9.97 4.20 20.15
CA HIS A 253 -8.86 4.01 19.23
C HIS A 253 -9.17 3.01 18.12
N LEU A 254 -9.08 3.49 16.89
CA LEU A 254 -9.28 2.64 15.71
C LEU A 254 -8.12 1.65 15.63
N GLY A 255 -8.43 0.41 15.27
CA GLY A 255 -7.43 -0.64 15.25
C GLY A 255 -6.73 -0.83 13.91
N TRP A 256 -5.41 -0.98 13.98
CA TRP A 256 -4.59 -1.10 12.78
C TRP A 256 -3.65 -2.29 12.89
N ARG A 257 -3.31 -2.84 11.74
CA ARG A 257 -2.26 -3.83 11.59
C ARG A 257 -0.95 -3.08 11.26
N THR A 258 0.17 -3.55 11.79
CA THR A 258 1.46 -2.95 11.47
C THR A 258 2.39 -3.99 10.87
N LEU A 259 3.59 -3.55 10.50
CA LEU A 259 4.60 -4.41 9.93
C LEU A 259 5.95 -4.11 10.55
N ASP A 260 6.76 -5.15 10.76
CA ASP A 260 8.17 -5.01 11.12
C ASP A 260 9.04 -5.39 9.95
N PHE A 261 10.08 -4.61 9.71
CA PHE A 261 11.00 -4.93 8.62
C PHE A 261 12.40 -5.15 9.17
N GLU A 262 12.97 -6.28 8.78
CA GLU A 262 14.31 -6.64 9.16
C GLU A 262 15.19 -6.56 7.91
N THR A 263 15.96 -5.50 7.82
CA THR A 263 16.73 -5.20 6.61
C THR A 263 18.20 -5.55 6.81
N GLU A 264 18.75 -6.37 5.91
CA GLU A 264 20.14 -6.84 6.02
C GLU A 264 20.92 -6.66 4.72
N VAL A 265 22.20 -6.30 4.86
CA VAL A 265 23.11 -6.28 3.74
C VAL A 265 23.93 -7.56 3.74
N LEU A 266 23.84 -8.35 2.68
CA LEU A 266 24.51 -9.64 2.62
C LEU A 266 25.71 -9.56 1.71
N ASN A 267 26.70 -10.41 1.97
CA ASN A 267 27.91 -10.43 1.15
C ASN A 267 27.80 -11.39 -0.03
N THR A 268 26.75 -11.19 -0.81
CA THR A 268 26.61 -11.82 -2.12
C THR A 268 25.94 -10.80 -3.03
N GLY A 269 26.16 -10.92 -4.33
CA GLY A 269 25.52 -10.06 -5.29
C GLY A 269 24.05 -10.39 -5.53
N ASP A 270 23.62 -11.59 -5.15
CA ASP A 270 22.25 -12.03 -5.47
C ASP A 270 21.77 -13.09 -4.50
N PHE A 271 20.80 -12.74 -3.66
CA PHE A 271 20.31 -13.63 -2.61
C PHE A 271 19.25 -14.63 -3.08
N GLN A 272 18.30 -14.17 -3.89
CA GLN A 272 17.20 -15.05 -4.32
C GLN A 272 16.83 -14.93 -5.81
N GLY A 273 17.52 -14.04 -6.54
CA GLY A 273 17.36 -13.99 -7.99
C GLY A 273 16.01 -13.48 -8.48
N THR A 274 15.31 -12.78 -7.59
CA THR A 274 13.98 -12.27 -7.90
C THR A 274 13.61 -11.22 -6.83
N PRO A 275 12.72 -10.27 -7.17
CA PRO A 275 12.45 -9.19 -6.21
C PRO A 275 11.72 -9.66 -4.95
N VAL A 276 10.78 -10.57 -5.11
CA VAL A 276 9.94 -10.96 -3.97
C VAL A 276 9.73 -12.47 -3.93
N MET A 277 10.06 -13.06 -2.78
CA MET A 277 9.80 -14.46 -2.53
C MET A 277 8.88 -14.60 -1.33
N ASN A 278 7.65 -15.07 -1.56
CA ASN A 278 6.74 -15.33 -0.45
C ASN A 278 7.20 -16.57 0.32
N TYR A 279 7.05 -16.56 1.64
CA TYR A 279 7.34 -17.76 2.43
C TYR A 279 6.05 -18.30 3.00
N ASN A 280 5.52 -19.31 2.34
CA ASN A 280 4.17 -19.77 2.62
C ASN A 280 4.04 -20.73 3.81
N ASP A 281 5.17 -21.21 4.33
CA ASP A 281 5.15 -22.20 5.42
C ASP A 281 5.23 -21.57 6.80
N ALA A 282 4.48 -22.14 7.75
CA ALA A 282 4.44 -21.63 9.12
C ALA A 282 5.80 -21.56 9.81
N GLU A 283 6.73 -22.43 9.42
CA GLU A 283 8.06 -22.46 10.08
C GLU A 283 8.89 -21.21 9.88
N PHE A 284 8.55 -20.40 8.88
CA PHE A 284 9.23 -19.12 8.70
C PHE A 284 8.35 -18.02 9.28
N PRO A 285 8.90 -17.23 10.21
CA PRO A 285 8.05 -16.26 10.91
C PRO A 285 7.67 -15.07 9.99
N TYR A 286 8.51 -14.75 9.01
CA TYR A 286 8.19 -13.68 8.06
C TYR A 286 7.31 -14.16 6.89
N THR A 287 6.55 -13.23 6.30
CA THR A 287 5.68 -13.61 5.20
C THR A 287 6.40 -13.64 3.86
N ARG A 288 7.43 -12.81 3.70
CA ARG A 288 8.13 -12.73 2.41
C ARG A 288 9.45 -11.99 2.59
N ILE A 289 10.33 -12.22 1.63
CA ILE A 289 11.60 -11.51 1.57
C ILE A 289 11.67 -10.70 0.29
N HIS A 290 12.05 -9.43 0.43
CA HIS A 290 12.29 -8.52 -0.70
C HIS A 290 13.78 -8.40 -0.95
N GLU A 291 14.19 -8.47 -2.22
CA GLU A 291 15.57 -8.19 -2.55
C GLU A 291 15.57 -7.01 -3.50
N PHE A 292 15.96 -5.85 -2.97
CA PHE A 292 15.64 -4.55 -3.57
C PHE A 292 16.31 -4.27 -4.92
N ARG A 293 17.53 -4.78 -5.13
CA ARG A 293 18.22 -4.54 -6.39
C ARG A 293 17.41 -5.02 -7.61
N HIS A 294 16.63 -6.07 -7.45
CA HIS A 294 15.91 -6.65 -8.60
C HIS A 294 14.67 -5.83 -8.98
N PHE A 295 14.30 -4.82 -8.19
CA PHE A 295 13.24 -3.90 -8.61
C PHE A 295 13.75 -2.97 -9.68
N HIS A 296 15.07 -2.81 -9.75
CA HIS A 296 15.68 -1.93 -10.75
C HIS A 296 16.86 -2.59 -11.48
N PRO A 297 16.56 -3.63 -12.30
CA PRO A 297 17.67 -4.31 -12.99
C PRO A 297 18.34 -3.35 -13.97
N GLU A 298 17.66 -2.27 -14.38
CA GLU A 298 18.27 -1.31 -15.29
C GLU A 298 19.41 -0.53 -14.63
N ARG A 299 19.54 -0.64 -13.31
CA ARG A 299 20.61 0.05 -12.56
C ARG A 299 21.79 -0.84 -12.20
N GLU A 300 21.91 -1.99 -12.88
CA GLU A 300 22.88 -3.02 -12.48
C GLU A 300 24.34 -2.60 -12.43
N ASP A 301 24.77 -1.67 -13.27
CA ASP A 301 26.19 -1.38 -13.20
C ASP A 301 26.45 -0.20 -12.23
N ARG A 302 25.41 0.22 -11.53
CA ARG A 302 25.52 1.11 -10.38
C ARG A 302 25.45 0.32 -9.08
N HIS A 303 24.87 -0.87 -9.15
CA HIS A 303 24.75 -1.73 -7.97
C HIS A 303 26.06 -2.48 -7.73
N PRO A 304 26.36 -2.81 -6.45
CA PRO A 304 27.57 -3.58 -6.17
C PRO A 304 27.51 -5.00 -6.72
N LYS A 305 28.65 -5.55 -7.13
CA LYS A 305 28.66 -6.90 -7.69
C LYS A 305 28.66 -7.98 -6.61
N ASP A 306 28.92 -7.60 -5.36
CA ASP A 306 29.18 -8.60 -4.32
C ASP A 306 28.34 -8.40 -3.06
N LYS A 307 27.46 -7.42 -3.09
CA LYS A 307 26.59 -7.17 -1.96
C LYS A 307 25.15 -6.98 -2.40
N THR A 308 24.22 -7.29 -1.52
CA THR A 308 22.83 -7.06 -1.82
C THR A 308 22.06 -6.78 -0.53
N VAL A 309 21.01 -5.97 -0.64
CA VAL A 309 20.15 -5.69 0.49
C VAL A 309 18.86 -6.48 0.41
N ILE A 310 18.56 -7.25 1.46
CA ILE A 310 17.27 -7.91 1.55
C ILE A 310 16.49 -7.41 2.74
N MET A 311 15.21 -7.77 2.77
CA MET A 311 14.34 -7.33 3.84
C MET A 311 13.27 -8.38 4.10
N LYS A 312 13.15 -8.79 5.36
CA LYS A 312 12.14 -9.75 5.79
C LYS A 312 10.98 -8.98 6.39
N GLU A 313 9.77 -9.46 6.12
CA GLU A 313 8.57 -8.73 6.49
C GLU A 313 7.76 -9.53 7.50
N TYR A 314 7.41 -8.90 8.61
CA TYR A 314 6.65 -9.52 9.67
C TYR A 314 5.39 -8.72 9.93
N SER A 315 4.28 -9.42 10.12
CA SER A 315 3.00 -8.77 10.34
C SER A 315 2.53 -8.96 11.78
N ARG A 316 1.92 -7.92 12.36
CA ARG A 316 1.30 -8.04 13.67
C ARG A 316 0.38 -6.87 13.96
N PHE A 317 -0.32 -6.95 15.09
CA PHE A 317 -1.23 -5.88 15.50
C PHE A 317 -0.42 -4.65 15.90
N ALA A 318 -0.90 -3.48 15.49
CA ALA A 318 -0.21 -2.22 15.78
C ALA A 318 -0.46 -1.72 17.19
N GLU A 319 0.60 -1.63 17.98
CA GLU A 319 0.52 -1.04 19.30
C GLU A 319 1.08 0.37 19.31
N GLU A 320 0.93 1.05 20.44
N GLU A 320 0.95 1.03 20.46
CA GLU A 320 1.42 2.41 20.61
CA GLU A 320 1.47 2.37 20.68
C GLU A 320 2.91 2.49 20.27
C GLU A 320 2.93 2.47 20.26
N GLY A 321 3.24 3.39 19.35
CA GLY A 321 4.59 3.53 18.84
C GLY A 321 4.65 3.04 17.41
N ASP A 322 4.01 1.90 17.15
CA ASP A 322 4.04 1.25 15.84
C ASP A 322 3.38 2.11 14.76
N GLU A 323 3.95 2.06 13.55
CA GLU A 323 3.32 2.69 12.40
C GLU A 323 2.04 1.97 12.05
N PRO A 324 0.91 2.68 12.03
CA PRO A 324 -0.34 2.04 11.58
C PRO A 324 -0.35 1.93 10.05
N TYR A 325 -0.51 0.71 9.51
CA TYR A 325 -0.46 0.47 8.07
C TYR A 325 -1.80 0.04 7.46
N TYR A 326 -2.41 -1.01 7.99
CA TYR A 326 -3.68 -1.55 7.49
C TYR A 326 -4.79 -1.51 8.52
N PRO A 327 -5.94 -0.91 8.17
CA PRO A 327 -7.11 -0.93 9.04
C PRO A 327 -7.57 -2.36 9.29
N ILE A 328 -7.90 -2.69 10.53
CA ILE A 328 -8.32 -4.06 10.83
C ILE A 328 -9.78 -4.27 10.42
N ASN A 329 -10.61 -3.28 10.71
CA ASN A 329 -12.04 -3.27 10.35
C ASN A 329 -12.90 -4.31 11.07
N THR A 330 -12.67 -4.51 12.37
CA THR A 330 -13.60 -5.28 13.17
C THR A 330 -14.91 -4.52 13.21
N PRO A 331 -16.04 -5.20 13.50
CA PRO A 331 -17.30 -4.44 13.55
C PRO A 331 -17.23 -3.32 14.57
N SER A 332 -16.38 -3.45 15.59
CA SER A 332 -16.18 -2.38 16.56
C SER A 332 -15.54 -1.20 15.87
N ASP A 333 -14.53 -1.49 15.06
CA ASP A 333 -13.83 -0.46 14.30
C ASP A 333 -14.80 0.28 13.39
N ARG A 334 -15.59 -0.49 12.63
CA ARG A 334 -16.57 0.06 11.71
C ARG A 334 -17.55 0.97 12.42
N GLU A 335 -17.85 0.65 13.67
CA GLU A 335 -18.86 1.42 14.38
C GLU A 335 -18.26 2.71 14.90
N MET A 336 -17.01 2.69 15.34
CA MET A 336 -16.46 3.95 15.83
C MET A 336 -16.01 4.79 14.64
N LEU A 337 -15.79 4.16 13.49
CA LEU A 337 -15.56 4.91 12.25
C LEU A 337 -16.78 5.76 11.83
N PHE A 338 -17.98 5.19 11.87
CA PHE A 338 -19.20 5.94 11.52
C PHE A 338 -19.38 7.14 12.44
N LYS A 339 -19.04 6.96 13.70
CA LYS A 339 -19.07 8.05 14.66
C LYS A 339 -18.05 9.14 14.33
N TYR A 340 -16.88 8.73 13.87
CA TYR A 340 -15.85 9.68 13.52
C TYR A 340 -16.18 10.42 12.22
N ARG A 341 -16.83 9.73 11.29
CA ARG A 341 -17.29 10.34 10.04
C ARG A 341 -18.28 11.48 10.30
N GLU A 342 -19.07 11.34 11.35
CA GLU A 342 -20.06 12.35 11.68
C GLU A 342 -19.37 13.57 12.29
N LEU A 343 -18.38 13.31 13.13
CA LEU A 343 -17.55 14.37 13.67
C LEU A 343 -16.76 15.11 12.56
N ALA A 344 -16.15 14.36 11.65
CA ALA A 344 -15.39 14.95 10.56
C ALA A 344 -16.28 15.83 9.70
N ASP A 345 -17.44 15.31 9.32
CA ASP A 345 -18.38 16.04 8.49
C ASP A 345 -18.79 17.36 9.13
N ALA A 346 -18.95 17.36 10.45
CA ALA A 346 -19.30 18.56 11.19
C ALA A 346 -18.13 19.54 11.21
N GLU A 347 -16.92 19.00 11.33
CA GLU A 347 -15.71 19.82 11.38
C GLU A 347 -15.47 20.50 10.02
N THR A 348 -15.82 19.81 8.94
CA THR A 348 -15.69 20.39 7.61
C THR A 348 -16.60 21.60 7.51
N GLU A 349 -17.83 21.43 7.99
CA GLU A 349 -18.84 22.48 7.91
C GLU A 349 -18.50 23.69 8.77
N SER A 350 -17.97 23.44 9.96
CA SER A 350 -17.66 24.51 10.89
C SER A 350 -16.25 25.10 10.74
N GLY A 351 -15.27 24.26 10.43
CA GLY A 351 -13.88 24.69 10.42
C GLY A 351 -13.13 24.66 9.09
N LYS A 352 -13.82 24.24 8.02
CA LYS A 352 -13.25 24.11 6.68
C LYS A 352 -12.06 23.14 6.67
N VAL A 353 -12.16 22.09 7.48
CA VAL A 353 -11.17 21.02 7.50
C VAL A 353 -11.72 19.82 6.76
N TYR A 354 -11.06 19.46 5.66
CA TYR A 354 -11.43 18.28 4.89
C TYR A 354 -10.59 17.07 5.33
N PHE A 355 -11.17 15.89 5.24
CA PHE A 355 -10.48 14.69 5.69
C PHE A 355 -10.25 13.76 4.52
N GLY A 356 -9.02 13.30 4.35
CA GLY A 356 -8.69 12.47 3.21
C GLY A 356 -7.50 11.57 3.46
N GLY A 357 -7.24 10.69 2.52
CA GLY A 357 -6.09 9.81 2.61
C GLY A 357 -6.33 8.60 3.50
N ARG A 358 -5.30 7.77 3.60
CA ARG A 358 -5.36 6.49 4.30
C ARG A 358 -5.70 6.70 5.78
N LEU A 359 -4.93 7.56 6.45
CA LEU A 359 -5.11 7.80 7.88
C LEU A 359 -6.33 8.68 8.17
N GLY A 360 -6.60 9.63 7.29
CA GLY A 360 -7.69 10.55 7.50
C GLY A 360 -9.05 9.91 7.34
N THR A 361 -9.13 8.77 6.66
CA THR A 361 -10.43 8.16 6.42
C THR A 361 -10.49 6.69 6.87
N TYR A 362 -9.44 6.22 7.55
CA TYR A 362 -9.35 4.83 7.99
C TYR A 362 -9.65 3.86 6.85
N GLN A 363 -8.89 3.97 5.77
CA GLN A 363 -9.10 3.11 4.63
C GLN A 363 -7.80 2.90 3.90
N TYR A 364 -7.48 1.65 3.62
CA TYR A 364 -6.27 1.38 2.87
C TYR A 364 -6.42 1.90 1.45
N LEU A 365 -5.40 2.60 0.97
CA LEU A 365 -5.38 3.11 -0.39
C LEU A 365 -4.07 2.83 -1.07
N ASP A 366 -4.12 2.16 -2.22
CA ASP A 366 -2.95 2.12 -3.09
C ASP A 366 -2.62 3.53 -3.56
N MET A 367 -1.43 3.71 -4.10
CA MET A 367 -0.98 5.01 -4.57
C MET A 367 -1.90 5.62 -5.61
N HIS A 368 -2.31 4.84 -6.61
CA HIS A 368 -3.19 5.38 -7.65
C HIS A 368 -4.59 5.65 -7.12
N MET A 369 -5.00 4.94 -6.09
CA MET A 369 -6.30 5.15 -5.48
C MET A 369 -6.27 6.39 -4.60
N ALA A 370 -5.15 6.61 -3.92
CA ALA A 370 -4.97 7.84 -3.16
C ALA A 370 -4.99 9.05 -4.12
N ILE A 371 -4.26 8.95 -5.23
CA ILE A 371 -4.22 10.02 -6.21
C ILE A 371 -5.60 10.32 -6.79
N ALA A 372 -6.33 9.27 -7.19
CA ALA A 372 -7.69 9.42 -7.71
C ALA A 372 -8.60 10.06 -6.66
N SER A 373 -8.47 9.61 -5.43
CA SER A 373 -9.29 10.17 -4.35
C SER A 373 -8.96 11.65 -4.11
N ALA A 374 -7.69 12.01 -4.23
CA ALA A 374 -7.29 13.42 -4.07
C ALA A 374 -7.80 14.26 -5.26
N LEU A 375 -7.63 13.75 -6.47
CA LEU A 375 -8.12 14.44 -7.66
C LEU A 375 -9.61 14.71 -7.53
N SER A 376 -10.33 13.78 -6.91
CA SER A 376 -11.77 13.92 -6.78
C SER A 376 -12.12 14.96 -5.74
N MET A 377 -11.49 14.89 -4.56
CA MET A 377 -11.67 15.93 -3.56
C MET A 377 -11.32 17.31 -4.14
N PHE A 378 -10.28 17.40 -4.95
CA PHE A 378 -9.91 18.67 -5.56
C PHE A 378 -11.04 19.18 -6.44
N ASP A 379 -11.47 18.34 -7.38
CA ASP A 379 -12.51 18.67 -8.35
C ASP A 379 -13.83 19.06 -7.70
N ASN A 380 -14.27 18.24 -6.75
CA ASN A 380 -15.63 18.34 -6.25
C ASN A 380 -15.77 19.18 -4.99
N LYS A 381 -14.68 19.39 -4.27
CA LYS A 381 -14.74 20.15 -3.03
C LYS A 381 -13.86 21.40 -3.01
N LEU A 382 -12.59 21.25 -3.38
CA LEU A 382 -11.61 22.30 -3.09
C LEU A 382 -11.70 23.49 -4.05
N VAL A 383 -12.04 23.23 -5.31
CA VAL A 383 -12.16 24.29 -6.29
C VAL A 383 -13.20 25.30 -5.83
N ASP A 384 -14.29 24.82 -5.26
CA ASP A 384 -15.31 25.71 -4.73
C ASP A 384 -14.87 26.36 -3.41
N ALA A 385 -14.27 25.58 -2.50
CA ALA A 385 -13.86 26.11 -1.21
C ALA A 385 -12.77 27.19 -1.32
N LEU A 386 -12.02 27.19 -2.41
CA LEU A 386 -10.91 28.13 -2.56
C LEU A 386 -11.22 29.36 -3.46
N LYS A 387 -12.47 29.54 -3.87
CA LYS A 387 -12.83 30.71 -4.68
C LYS A 387 -12.86 32.01 -3.86
#